data_2R76
#
_entry.id   2R76
#
_cell.length_a   88.091
_cell.length_b   88.091
_cell.length_c   112.235
_cell.angle_alpha   90.00
_cell.angle_beta   90.00
_cell.angle_gamma   90.00
#
_symmetry.space_group_name_H-M   'P 43 21 2'
#
loop_
_entity.id
_entity.type
_entity.pdbx_description
1 polymer 'Rare lipoprotein B'
2 water water
#
_entity_poly.entity_id   1
_entity_poly.type   'polypeptide(L)'
_entity_poly.pdbx_seq_one_letter_code
;(MSE)GFKLQRSYQIPEQLNQLSLSSSDEYKELTRLVRERLRLNNVKIVDAANDVPVLRLITDSLERSTLSLYPTGNVAE
YELIYFVEFAVALPGKEAQPFKIEIRRDYLDDPRTALAKSRE(MSE)ELLVKE(MSE)RIQAADRILQS(MSE)ASTEVN
LEHHHHHH
;
_entity_poly.pdbx_strand_id   A,B
#
# COMPACT_ATOMS: atom_id res chain seq x y z
N ASN A 16 -13.85 -14.82 -18.31
CA ASN A 16 -13.29 -16.07 -18.90
C ASN A 16 -13.11 -17.16 -17.85
N GLN A 17 -12.01 -17.91 -17.94
CA GLN A 17 -11.73 -18.98 -17.00
C GLN A 17 -10.23 -19.09 -16.67
N LEU A 18 -9.93 -19.86 -15.63
CA LEU A 18 -8.55 -20.06 -15.20
C LEU A 18 -8.45 -21.16 -14.15
N SER A 19 -7.26 -21.74 -14.02
CA SER A 19 -7.00 -22.79 -13.05
C SER A 19 -6.44 -22.16 -11.77
N LEU A 20 -7.04 -22.47 -10.62
CA LEU A 20 -6.58 -21.92 -9.36
C LEU A 20 -5.86 -22.94 -8.47
N SER A 21 -4.61 -22.63 -8.11
CA SER A 21 -3.82 -23.50 -7.27
C SER A 21 -3.27 -22.75 -6.04
N SER A 22 -3.47 -23.30 -4.84
CA SER A 22 -2.99 -22.66 -3.62
C SER A 22 -2.28 -23.65 -2.68
N SER A 23 -1.29 -23.18 -1.92
CA SER A 23 -0.61 -24.08 -1.00
C SER A 23 -1.37 -24.13 0.31
N ASP A 24 -2.47 -23.38 0.35
CA ASP A 24 -3.33 -23.35 1.53
C ASP A 24 -4.72 -22.88 1.13
N GLU A 25 -5.50 -23.80 0.56
CA GLU A 25 -6.86 -23.50 0.08
C GLU A 25 -7.76 -22.91 1.15
N TYR A 26 -7.34 -23.02 2.41
CA TYR A 26 -8.15 -22.48 3.50
C TYR A 26 -7.66 -21.11 3.95
N LYS A 27 -6.60 -20.61 3.34
CA LYS A 27 -6.04 -19.32 3.73
C LYS A 27 -6.93 -18.13 3.40
N GLU A 28 -6.92 -17.15 4.30
CA GLU A 28 -7.70 -15.93 4.11
C GLU A 28 -7.48 -15.33 2.73
N LEU A 29 -6.21 -15.19 2.35
CA LEU A 29 -5.84 -14.64 1.04
C LEU A 29 -6.40 -15.48 -0.11
N THR A 30 -6.38 -16.80 0.04
CA THR A 30 -6.91 -17.67 -1.01
C THR A 30 -8.41 -17.53 -1.14
N ARG A 31 -9.05 -17.04 -0.07
CA ARG A 31 -10.48 -16.86 -0.07
C ARG A 31 -10.84 -15.51 -0.71
N LEU A 32 -10.01 -14.48 -0.47
CA LEU A 32 -10.28 -13.17 -1.06
C LEU A 32 -10.15 -13.21 -2.57
N VAL A 33 -9.19 -13.98 -3.05
CA VAL A 33 -8.97 -14.12 -4.49
C VAL A 33 -10.20 -14.74 -5.13
N ARG A 34 -10.67 -15.80 -4.48
CA ARG A 34 -11.85 -16.57 -4.88
C ARG A 34 -13.07 -15.66 -5.05
N GLU A 35 -13.32 -14.84 -4.03
CA GLU A 35 -14.45 -13.93 -4.02
C GLU A 35 -14.42 -13.00 -5.22
N ARG A 36 -13.26 -12.42 -5.51
CA ARG A 36 -13.07 -11.49 -6.62
C ARG A 36 -13.06 -12.16 -7.99
N LEU A 37 -12.73 -13.45 -8.03
CA LEU A 37 -12.73 -14.17 -9.29
C LEU A 37 -14.20 -14.39 -9.69
N ARG A 38 -15.04 -14.49 -8.68
CA ARG A 38 -16.46 -14.69 -8.87
C ARG A 38 -17.14 -13.39 -9.27
N LEU A 39 -16.77 -12.30 -8.60
CA LEU A 39 -17.34 -11.01 -8.90
C LEU A 39 -16.98 -10.56 -10.31
N ASN A 40 -15.96 -11.16 -10.89
CA ASN A 40 -15.54 -10.79 -12.22
C ASN A 40 -15.92 -11.84 -13.25
N ASN A 41 -16.94 -12.63 -12.92
CA ASN A 41 -17.43 -13.69 -13.80
C ASN A 41 -16.31 -14.54 -14.38
N VAL A 42 -15.44 -15.03 -13.51
CA VAL A 42 -14.34 -15.86 -13.96
C VAL A 42 -14.49 -17.22 -13.28
N LYS A 43 -14.75 -18.25 -14.07
CA LYS A 43 -14.92 -19.59 -13.53
C LYS A 43 -13.58 -20.31 -13.42
N ILE A 44 -13.41 -21.07 -12.35
CA ILE A 44 -12.18 -21.80 -12.13
C ILE A 44 -12.27 -23.19 -12.72
N VAL A 45 -11.79 -23.34 -13.95
CA VAL A 45 -11.82 -24.63 -14.64
C VAL A 45 -10.95 -25.62 -13.88
N ASP A 46 -11.17 -26.91 -14.12
CA ASP A 46 -10.41 -27.93 -13.43
C ASP A 46 -9.00 -28.07 -14.01
N ALA A 47 -8.15 -27.12 -13.63
CA ALA A 47 -6.75 -27.10 -14.05
C ALA A 47 -6.50 -27.63 -15.45
N ALA A 48 -7.24 -27.12 -16.43
CA ALA A 48 -7.06 -27.55 -17.82
C ALA A 48 -5.65 -27.19 -18.27
N ASN A 49 -5.29 -27.61 -19.49
CA ASN A 49 -3.96 -27.31 -20.01
C ASN A 49 -3.91 -25.94 -20.69
N ASP A 50 -4.65 -25.80 -21.78
CA ASP A 50 -4.69 -24.53 -22.53
C ASP A 50 -5.24 -23.37 -21.72
N VAL A 51 -5.63 -23.61 -20.46
CA VAL A 51 -6.17 -22.53 -19.62
C VAL A 51 -5.10 -21.93 -18.72
N PRO A 52 -5.09 -20.58 -18.59
CA PRO A 52 -4.10 -19.91 -17.75
C PRO A 52 -4.25 -20.29 -16.29
N VAL A 53 -3.12 -20.37 -15.59
CA VAL A 53 -3.15 -20.74 -14.19
C VAL A 53 -2.61 -19.68 -13.23
N LEU A 54 -3.27 -19.57 -12.08
CA LEU A 54 -2.90 -18.64 -11.02
C LEU A 54 -2.47 -19.51 -9.85
N ARG A 55 -1.18 -19.49 -9.52
CA ARG A 55 -0.71 -20.30 -8.40
C ARG A 55 -0.29 -19.44 -7.20
N LEU A 56 -0.96 -19.63 -6.08
CA LEU A 56 -0.70 -18.91 -4.83
C LEU A 56 0.33 -19.70 -4.03
N ILE A 57 1.56 -19.22 -4.04
CA ILE A 57 2.65 -19.90 -3.35
C ILE A 57 2.80 -19.66 -1.85
N THR A 58 2.83 -18.39 -1.44
CA THR A 58 2.97 -18.10 -0.02
C THR A 58 2.66 -16.68 0.34
N ASP A 59 2.34 -16.51 1.61
CA ASP A 59 2.05 -15.19 2.11
C ASP A 59 2.39 -15.15 3.58
N SER A 60 3.35 -14.31 3.92
CA SER A 60 3.72 -14.19 5.30
C SER A 60 3.48 -12.76 5.81
N LEU A 61 3.61 -12.58 7.11
CA LEU A 61 3.41 -11.28 7.74
C LEU A 61 4.62 -10.99 8.63
N GLU A 62 5.07 -9.74 8.60
CA GLU A 62 6.20 -9.35 9.43
C GLU A 62 5.85 -8.09 10.24
N ARG A 63 6.21 -8.06 11.51
CA ARG A 63 5.94 -6.89 12.35
C ARG A 63 7.22 -6.48 13.07
N SER A 64 7.73 -5.27 12.82
CA SER A 64 8.96 -4.86 13.51
C SER A 64 8.84 -3.52 14.24
N THR A 65 9.80 -3.23 15.11
CA THR A 65 9.75 -1.95 15.82
C THR A 65 10.36 -0.90 14.91
N LEU A 66 9.64 0.19 14.70
CA LEU A 66 10.10 1.28 13.86
C LEU A 66 10.83 2.36 14.64
N SER A 67 10.29 2.76 15.79
CA SER A 67 10.94 3.77 16.59
C SER A 67 10.47 3.61 18.01
N LEU A 68 11.25 4.10 18.95
CA LEU A 68 10.87 3.98 20.36
C LEU A 68 10.71 5.33 21.03
N TYR A 69 10.01 5.31 22.15
CA TYR A 69 9.77 6.50 22.96
C TYR A 69 10.96 6.69 23.88
N PRO A 70 11.16 7.92 24.39
CA PRO A 70 12.30 8.16 25.30
C PRO A 70 12.35 7.15 26.45
N THR A 71 11.22 6.47 26.69
CA THR A 71 11.12 5.46 27.74
C THR A 71 11.88 4.20 27.38
N GLY A 72 11.74 3.78 26.12
CA GLY A 72 12.40 2.58 25.66
C GLY A 72 11.40 1.63 25.06
N ASN A 73 10.12 1.89 25.31
CA ASN A 73 9.04 1.06 24.78
C ASN A 73 8.56 1.54 23.41
N VAL A 74 8.20 0.59 22.57
CA VAL A 74 7.73 0.84 21.21
C VAL A 74 6.73 1.97 21.04
N ALA A 75 7.00 2.81 20.05
CA ALA A 75 6.13 3.93 19.70
C ALA A 75 5.50 3.60 18.34
N GLU A 76 6.34 3.40 17.34
CA GLU A 76 5.88 3.07 16.00
C GLU A 76 6.25 1.67 15.50
N TYR A 77 5.25 0.95 14.99
CA TYR A 77 5.46 -0.39 14.44
C TYR A 77 5.42 -0.29 12.92
N GLU A 78 6.02 -1.28 12.28
CA GLU A 78 6.01 -1.38 10.83
C GLU A 78 5.56 -2.78 10.51
N LEU A 79 4.49 -2.89 9.73
CA LEU A 79 3.98 -4.20 9.33
C LEU A 79 4.26 -4.38 7.84
N ILE A 80 4.68 -5.55 7.44
CA ILE A 80 4.90 -5.83 6.02
C ILE A 80 4.31 -7.17 5.63
N TYR A 81 3.30 -7.12 4.78
CA TYR A 81 2.67 -8.33 4.28
C TYR A 81 3.39 -8.69 2.96
N PHE A 82 3.92 -9.91 2.90
CA PHE A 82 4.65 -10.42 1.75
C PHE A 82 3.81 -11.51 1.11
N VAL A 83 3.76 -11.52 -0.21
CA VAL A 83 2.99 -12.55 -0.87
C VAL A 83 3.68 -12.90 -2.16
N GLU A 84 3.72 -14.17 -2.50
CA GLU A 84 4.32 -14.57 -3.76
C GLU A 84 3.33 -15.45 -4.48
N PHE A 85 3.23 -15.26 -5.79
CA PHE A 85 2.32 -16.06 -6.59
C PHE A 85 2.93 -16.24 -7.99
N ALA A 86 2.27 -17.00 -8.85
CA ALA A 86 2.81 -17.23 -10.20
C ALA A 86 1.70 -17.38 -11.22
N VAL A 87 1.91 -16.77 -12.38
CA VAL A 87 0.91 -16.86 -13.43
C VAL A 87 1.54 -17.56 -14.65
N ALA A 88 0.78 -18.49 -15.23
CA ALA A 88 1.24 -19.21 -16.41
C ALA A 88 0.17 -19.06 -17.47
N LEU A 89 0.47 -18.25 -18.48
CA LEU A 89 -0.48 -18.04 -19.57
C LEU A 89 -0.22 -19.08 -20.64
N PRO A 90 -1.27 -19.49 -21.35
CA PRO A 90 -1.12 -20.48 -22.41
C PRO A 90 -0.27 -19.87 -23.52
N GLY A 91 0.94 -20.39 -23.70
CA GLY A 91 1.83 -19.87 -24.71
C GLY A 91 3.14 -19.33 -24.19
N LYS A 92 3.31 -19.37 -22.86
CA LYS A 92 4.54 -18.89 -22.22
C LYS A 92 4.77 -19.59 -20.89
N GLU A 93 6.01 -19.61 -20.43
CA GLU A 93 6.29 -20.27 -19.17
C GLU A 93 5.83 -19.41 -18.00
N ALA A 94 5.40 -20.08 -16.95
CA ALA A 94 4.91 -19.45 -15.74
C ALA A 94 5.84 -18.33 -15.28
N GLN A 95 5.25 -17.31 -14.68
CA GLN A 95 6.04 -16.19 -14.20
C GLN A 95 5.82 -15.91 -12.72
N PRO A 96 6.93 -15.79 -11.96
CA PRO A 96 6.88 -15.52 -10.53
C PRO A 96 6.62 -14.04 -10.24
N PHE A 97 5.73 -13.79 -9.30
CA PHE A 97 5.38 -12.43 -8.89
C PHE A 97 5.45 -12.27 -7.39
N LYS A 98 5.94 -11.11 -6.96
CA LYS A 98 6.01 -10.85 -5.52
C LYS A 98 5.31 -9.54 -5.21
N ILE A 99 4.72 -9.47 -4.03
CA ILE A 99 4.03 -8.28 -3.57
C ILE A 99 4.44 -8.01 -2.14
N GLU A 100 4.74 -6.75 -1.89
CA GLU A 100 5.13 -6.32 -0.57
C GLU A 100 4.30 -5.07 -0.21
N ILE A 101 3.59 -5.16 0.89
CA ILE A 101 2.78 -4.05 1.37
C ILE A 101 3.32 -3.63 2.74
N ARG A 102 3.75 -2.36 2.82
CA ARG A 102 4.28 -1.76 4.04
C ARG A 102 3.27 -0.81 4.67
N ARG A 103 3.04 -1.00 5.96
CA ARG A 103 2.11 -0.16 6.71
C ARG A 103 2.70 0.14 8.09
N ASP A 104 2.80 1.43 8.42
CA ASP A 104 3.31 1.85 9.71
C ASP A 104 2.16 2.37 10.58
N TYR A 105 2.27 2.19 11.89
CA TYR A 105 1.23 2.67 12.82
C TYR A 105 1.76 2.85 14.25
N LEU A 106 1.13 3.78 14.98
CA LEU A 106 1.49 4.08 16.38
C LEU A 106 0.93 3.08 17.39
N ASP A 107 1.77 2.65 18.32
CA ASP A 107 1.33 1.70 19.34
C ASP A 107 0.47 2.40 20.39
N ASP A 108 -0.76 1.91 20.58
CA ASP A 108 -1.67 2.49 21.57
C ASP A 108 -1.21 2.07 22.96
N PRO A 109 -1.57 2.87 23.99
CA PRO A 109 -1.17 2.54 25.36
C PRO A 109 -2.00 1.38 25.90
N ARG A 110 -3.04 1.00 25.16
CA ARG A 110 -3.94 -0.07 25.56
C ARG A 110 -3.21 -1.37 25.90
N THR A 111 -3.98 -2.39 26.25
CA THR A 111 -3.42 -3.69 26.62
C THR A 111 -2.88 -4.48 25.44
N ALA A 112 -2.07 -5.49 25.74
CA ALA A 112 -1.48 -6.34 24.71
C ALA A 112 -2.59 -6.89 23.82
N LEU A 113 -3.71 -7.24 24.44
CA LEU A 113 -4.84 -7.77 23.71
C LEU A 113 -5.45 -6.73 22.78
N ALA A 114 -5.55 -5.48 23.25
CA ALA A 114 -6.11 -4.40 22.43
C ALA A 114 -5.18 -4.07 21.27
N LYS A 115 -3.91 -4.42 21.42
CA LYS A 115 -2.89 -4.21 20.39
C LYS A 115 -3.06 -5.25 19.29
N SER A 116 -3.35 -6.48 19.69
CA SER A 116 -3.56 -7.60 18.77
C SER A 116 -4.80 -7.32 17.93
N ARG A 117 -5.85 -6.87 18.60
CA ARG A 117 -7.12 -6.56 17.96
C ARG A 117 -6.88 -5.53 16.86
N GLU A 118 -6.04 -4.55 17.18
CA GLU A 118 -5.73 -3.49 16.24
C GLU A 118 -4.94 -4.01 15.06
N GLU A 120 -4.45 -6.90 13.85
CA GLU A 120 -5.20 -7.84 13.03
C GLU A 120 -6.15 -7.12 12.06
N LEU A 121 -6.69 -5.98 12.49
CA LEU A 121 -7.58 -5.21 11.64
C LEU A 121 -6.84 -4.69 10.40
N LEU A 122 -5.66 -4.11 10.60
CA LEU A 122 -4.87 -3.58 9.50
C LEU A 122 -4.45 -4.72 8.56
N VAL A 123 -4.16 -5.89 9.12
CA VAL A 123 -3.77 -7.01 8.28
C VAL A 123 -4.89 -7.37 7.31
N LYS A 124 -6.13 -7.44 7.80
CA LYS A 124 -7.24 -7.77 6.92
C LYS A 124 -7.34 -6.81 5.76
N GLU A 125 -6.96 -5.56 6.00
CA GLU A 125 -7.01 -4.58 4.93
C GLU A 125 -5.87 -4.84 3.94
N ARG A 127 -4.45 -7.70 3.21
CA ARG A 127 -4.77 -8.88 2.44
C ARG A 127 -5.73 -8.51 1.32
N ILE A 128 -6.62 -7.55 1.58
CA ILE A 128 -7.53 -7.11 0.53
C ILE A 128 -6.71 -6.46 -0.58
N GLN A 129 -5.83 -5.52 -0.20
CA GLN A 129 -4.99 -4.84 -1.18
C GLN A 129 -4.21 -5.85 -1.99
N ALA A 130 -3.73 -6.89 -1.31
CA ALA A 130 -2.95 -7.94 -1.94
C ALA A 130 -3.84 -8.66 -2.96
N ALA A 131 -5.00 -9.10 -2.51
CA ALA A 131 -5.94 -9.81 -3.37
C ALA A 131 -6.22 -9.02 -4.64
N ASP A 132 -6.52 -7.73 -4.54
CA ASP A 132 -6.78 -6.98 -5.76
C ASP A 132 -5.55 -6.89 -6.65
N ARG A 133 -4.38 -6.60 -6.06
CA ARG A 133 -3.15 -6.47 -6.83
C ARG A 133 -2.88 -7.73 -7.65
N ILE A 134 -3.02 -8.89 -7.03
CA ILE A 134 -2.82 -10.15 -7.75
C ILE A 134 -3.66 -10.17 -9.04
N LEU A 135 -4.98 -10.00 -8.93
CA LEU A 135 -5.82 -10.02 -10.11
C LEU A 135 -5.47 -8.94 -11.13
N GLN A 136 -5.33 -7.71 -10.65
CA GLN A 136 -4.98 -6.59 -11.52
C GLN A 136 -3.64 -6.87 -12.20
N SER A 137 -2.71 -7.44 -11.44
CA SER A 137 -1.39 -7.78 -11.94
C SER A 137 -1.47 -8.86 -13.02
N ALA A 139 -4.08 -9.52 -14.90
CA ALA A 139 -4.74 -8.98 -16.08
C ALA A 139 -3.72 -8.21 -16.93
N SER A 140 -2.78 -7.54 -16.26
CA SER A 140 -1.76 -6.77 -16.95
C SER A 140 -0.84 -7.63 -17.79
N THR A 141 -0.52 -8.82 -17.32
CA THR A 141 0.37 -9.68 -18.08
C THR A 141 -0.38 -10.32 -19.23
N GLU A 142 -1.71 -10.40 -19.11
CA GLU A 142 -2.55 -10.99 -20.16
C GLU A 142 -2.62 -10.09 -21.39
N VAL A 143 -2.81 -8.80 -21.16
CA VAL A 143 -2.91 -7.85 -22.27
C VAL A 143 -1.57 -7.67 -22.96
N ASN A 144 -0.51 -8.24 -22.40
CA ASN A 144 0.81 -8.12 -23.00
C ASN A 144 1.16 -9.29 -23.90
N LEU A 145 0.78 -10.49 -23.50
CA LEU A 145 1.06 -11.67 -24.29
C LEU A 145 0.37 -11.57 -25.64
N GLU A 146 -0.55 -10.61 -25.78
CA GLU A 146 -1.25 -10.40 -27.04
C GLU A 146 -0.29 -9.97 -28.14
N HIS A 147 1.00 -9.90 -27.81
CA HIS A 147 2.01 -9.49 -28.77
C HIS A 147 3.11 -10.54 -28.91
N ASN B 16 -3.93 32.43 6.03
CA ASN B 16 -4.34 31.01 5.78
C ASN B 16 -3.88 30.11 6.92
N GLN B 17 -4.84 29.50 7.63
CA GLN B 17 -4.53 28.63 8.76
C GLN B 17 -5.41 27.38 8.81
N LEU B 18 -5.03 26.43 9.66
CA LEU B 18 -5.78 25.18 9.83
C LEU B 18 -5.21 24.33 10.95
N SER B 19 -5.98 23.32 11.35
CA SER B 19 -5.56 22.38 12.37
C SER B 19 -5.19 21.05 11.67
N LEU B 20 -4.10 20.42 12.13
CA LEU B 20 -3.58 19.18 11.55
C LEU B 20 -3.63 17.94 12.42
N SER B 21 -4.60 17.07 12.13
CA SER B 21 -4.81 15.81 12.85
C SER B 21 -4.12 14.67 12.08
N SER B 22 -3.35 13.83 12.79
CA SER B 22 -2.67 12.70 12.16
C SER B 22 -2.61 11.47 13.03
N SER B 23 -2.70 10.31 12.38
CA SER B 23 -2.66 9.04 13.09
C SER B 23 -1.27 8.75 13.62
N ASP B 24 -0.26 9.29 12.95
CA ASP B 24 1.11 9.11 13.37
C ASP B 24 1.79 10.45 13.34
N GLU B 25 1.80 11.13 14.47
CA GLU B 25 2.43 12.44 14.56
C GLU B 25 3.89 12.33 14.11
N TYR B 26 4.49 11.16 14.36
CA TYR B 26 5.90 10.95 14.01
C TYR B 26 6.10 10.40 12.60
N LYS B 27 5.02 10.09 11.88
CA LYS B 27 5.17 9.55 10.53
C LYS B 27 5.85 10.57 9.62
N GLU B 28 6.70 10.07 8.73
CA GLU B 28 7.41 10.90 7.76
C GLU B 28 6.44 11.75 6.96
N LEU B 29 5.24 11.23 6.72
CA LEU B 29 4.26 11.97 5.94
C LEU B 29 3.88 13.22 6.73
N THR B 30 3.49 13.03 7.99
CA THR B 30 3.10 14.13 8.86
C THR B 30 4.17 15.24 8.84
N ARG B 31 5.44 14.85 8.97
CA ARG B 31 6.52 15.81 8.93
C ARG B 31 6.57 16.54 7.58
N LEU B 32 6.51 15.79 6.48
CA LEU B 32 6.58 16.41 5.16
C LEU B 32 5.40 17.34 4.85
N VAL B 33 4.20 16.98 5.29
CA VAL B 33 3.04 17.83 5.06
C VAL B 33 3.16 19.12 5.93
N ARG B 34 3.90 19.04 7.03
CA ARG B 34 4.10 20.20 7.90
C ARG B 34 5.15 21.18 7.36
N GLU B 35 6.31 20.66 6.99
CA GLU B 35 7.37 21.53 6.47
C GLU B 35 6.97 22.00 5.09
N ARG B 36 6.00 21.32 4.48
CA ARG B 36 5.55 21.71 3.16
C ARG B 36 4.39 22.67 3.32
N LEU B 37 3.79 22.65 4.50
CA LEU B 37 2.66 23.50 4.80
C LEU B 37 3.17 24.88 5.21
N ARG B 38 4.32 24.92 5.88
CA ARG B 38 4.89 26.20 6.26
C ARG B 38 5.45 26.85 5.00
N LEU B 39 6.09 26.03 4.16
CA LEU B 39 6.68 26.51 2.91
C LEU B 39 5.65 27.18 2.01
N ASN B 40 4.37 27.08 2.40
CA ASN B 40 3.30 27.70 1.65
C ASN B 40 2.64 28.78 2.49
N ASN B 41 3.36 29.23 3.52
CA ASN B 41 2.85 30.26 4.41
C ASN B 41 1.53 29.90 5.07
N VAL B 42 1.40 28.66 5.50
CA VAL B 42 0.17 28.23 6.16
C VAL B 42 0.48 27.99 7.62
N LYS B 43 -0.30 28.60 8.50
CA LYS B 43 -0.10 28.46 9.93
C LYS B 43 -0.91 27.28 10.45
N ILE B 44 -0.34 26.57 11.42
CA ILE B 44 -1.01 25.41 12.00
C ILE B 44 -1.40 25.69 13.46
N VAL B 45 -2.70 25.66 13.74
CA VAL B 45 -3.22 25.94 15.06
C VAL B 45 -4.00 24.76 15.63
N ASP B 46 -4.44 24.89 16.88
CA ASP B 46 -5.20 23.81 17.52
C ASP B 46 -6.61 23.76 17.02
N ALA B 47 -7.33 22.73 17.45
CA ALA B 47 -8.73 22.54 17.04
C ALA B 47 -9.56 23.80 17.31
N ALA B 48 -10.43 24.14 16.37
CA ALA B 48 -11.29 25.32 16.51
C ALA B 48 -12.45 25.27 15.53
N ASN B 49 -13.66 25.51 16.03
CA ASN B 49 -14.87 25.49 15.20
C ASN B 49 -14.78 26.43 14.01
N ASP B 50 -13.91 27.44 14.10
CA ASP B 50 -13.74 28.40 13.02
C ASP B 50 -12.46 28.09 12.24
N VAL B 51 -11.85 26.94 12.52
CA VAL B 51 -10.62 26.54 11.83
C VAL B 51 -10.72 25.20 11.09
N PRO B 52 -10.58 25.23 9.75
CA PRO B 52 -10.65 24.03 8.92
C PRO B 52 -9.63 22.97 9.35
N VAL B 53 -10.08 21.73 9.46
CA VAL B 53 -9.19 20.65 9.87
C VAL B 53 -8.71 19.76 8.74
N LEU B 54 -7.45 19.35 8.84
CA LEU B 54 -6.84 18.45 7.86
C LEU B 54 -6.49 17.18 8.60
N ARG B 55 -7.18 16.10 8.29
CA ARG B 55 -6.87 14.85 8.95
C ARG B 55 -6.16 13.81 8.06
N LEU B 56 -5.03 13.34 8.58
CA LEU B 56 -4.20 12.31 7.95
C LEU B 56 -4.69 11.00 8.56
N ILE B 57 -5.29 10.14 7.74
CA ILE B 57 -5.82 8.86 8.23
C ILE B 57 -4.90 7.64 8.12
N THR B 58 -4.37 7.38 6.92
CA THR B 58 -3.48 6.23 6.67
C THR B 58 -2.70 6.44 5.43
N ASP B 59 -1.56 5.77 5.39
CA ASP B 59 -0.71 5.83 4.24
C ASP B 59 -0.02 4.48 4.15
N SER B 60 -0.06 3.86 2.98
CA SER B 60 0.57 2.57 2.83
C SER B 60 1.45 2.52 1.60
N LEU B 61 2.42 1.62 1.64
CA LEU B 61 3.33 1.48 0.51
C LEU B 61 3.19 0.08 -0.04
N GLU B 62 3.20 -0.03 -1.36
CA GLU B 62 3.04 -1.30 -2.05
C GLU B 62 4.14 -1.47 -3.08
N ARG B 63 4.77 -2.62 -3.07
CA ARG B 63 5.84 -2.89 -4.04
C ARG B 63 5.51 -4.20 -4.75
N SER B 64 5.70 -4.25 -6.06
CA SER B 64 5.44 -5.51 -6.77
C SER B 64 6.29 -5.69 -8.03
N THR B 65 6.65 -6.94 -8.32
CA THR B 65 7.46 -7.25 -9.49
C THR B 65 6.74 -6.82 -10.76
N LEU B 66 7.42 -6.01 -11.56
CA LEU B 66 6.84 -5.48 -12.80
C LEU B 66 7.42 -6.18 -14.03
N SER B 67 8.73 -6.39 -13.98
CA SER B 67 9.46 -7.00 -15.09
C SER B 67 10.71 -7.71 -14.56
N LEU B 68 10.95 -8.91 -15.06
CA LEU B 68 12.11 -9.67 -14.63
C LEU B 68 13.13 -9.83 -15.77
N TYR B 69 14.40 -9.57 -15.46
CA TYR B 69 15.47 -9.68 -16.45
C TYR B 69 15.40 -11.01 -17.20
N PRO B 70 15.92 -11.03 -18.45
CA PRO B 70 15.91 -12.24 -19.27
C PRO B 70 16.65 -13.38 -18.56
N THR B 71 17.45 -13.02 -17.56
CA THR B 71 18.22 -14.00 -16.79
C THR B 71 17.35 -14.56 -15.67
N GLY B 72 16.90 -13.70 -14.76
CA GLY B 72 16.07 -14.16 -13.66
C GLY B 72 15.73 -13.11 -12.62
N ASN B 73 16.76 -12.45 -12.08
CA ASN B 73 16.55 -11.42 -11.07
C ASN B 73 15.53 -10.39 -11.56
N VAL B 74 14.86 -9.75 -10.60
CA VAL B 74 13.84 -8.75 -10.91
C VAL B 74 14.43 -7.52 -11.59
N ALA B 75 14.01 -7.25 -12.82
CA ALA B 75 14.47 -6.10 -13.55
C ALA B 75 13.93 -4.86 -12.87
N GLU B 76 12.70 -4.48 -13.22
CA GLU B 76 12.09 -3.31 -12.63
C GLU B 76 10.89 -3.61 -11.75
N TYR B 77 10.68 -2.72 -10.79
CA TYR B 77 9.62 -2.83 -9.82
C TYR B 77 8.63 -1.68 -9.95
N GLU B 78 7.46 -1.85 -9.35
CA GLU B 78 6.46 -0.79 -9.34
C GLU B 78 6.15 -0.39 -7.89
N LEU B 79 6.14 0.91 -7.63
CA LEU B 79 5.84 1.42 -6.27
C LEU B 79 4.56 2.23 -6.22
N ILE B 80 3.72 1.90 -5.25
CA ILE B 80 2.49 2.62 -5.07
C ILE B 80 2.34 3.11 -3.63
N TYR B 81 2.19 4.43 -3.49
CA TYR B 81 2.05 5.06 -2.16
C TYR B 81 0.61 5.52 -2.02
N PHE B 82 -0.14 4.92 -1.10
CA PHE B 82 -1.55 5.32 -0.88
C PHE B 82 -1.66 6.27 0.33
N VAL B 83 -2.53 7.26 0.20
CA VAL B 83 -2.77 8.18 1.29
C VAL B 83 -4.25 8.45 1.41
N GLU B 84 -4.75 8.36 2.63
CA GLU B 84 -6.16 8.65 2.88
C GLU B 84 -6.18 9.79 3.88
N PHE B 85 -6.87 10.87 3.53
CA PHE B 85 -6.97 12.04 4.40
C PHE B 85 -8.37 12.64 4.35
N ALA B 86 -8.66 13.55 5.29
CA ALA B 86 -9.96 14.17 5.32
C ALA B 86 -9.83 15.67 5.43
N VAL B 87 -10.86 16.37 4.99
CA VAL B 87 -10.90 17.83 5.08
C VAL B 87 -12.30 18.25 5.50
N ALA B 88 -12.37 18.94 6.63
CA ALA B 88 -13.65 19.42 7.16
C ALA B 88 -13.58 20.93 7.31
N LEU B 89 -14.32 21.65 6.47
CA LEU B 89 -14.33 23.11 6.55
C LEU B 89 -15.22 23.54 7.72
N PRO B 90 -14.98 24.75 8.26
CA PRO B 90 -15.79 25.24 9.37
C PRO B 90 -17.26 25.27 8.98
N GLY B 91 -18.08 24.45 9.65
CA GLY B 91 -19.50 24.42 9.34
C GLY B 91 -19.94 23.19 8.55
N LYS B 92 -19.33 22.99 7.39
CA LYS B 92 -19.67 21.86 6.51
C LYS B 92 -19.21 20.52 7.13
N GLU B 93 -19.84 19.44 6.67
CA GLU B 93 -19.54 18.08 7.14
C GLU B 93 -18.20 17.63 6.57
N ALA B 94 -17.46 16.82 7.32
CA ALA B 94 -16.16 16.33 6.89
C ALA B 94 -16.28 15.34 5.73
N GLN B 95 -15.40 15.48 4.74
CA GLN B 95 -15.43 14.57 3.59
C GLN B 95 -14.07 13.90 3.35
N PRO B 96 -14.07 12.62 2.97
CA PRO B 96 -12.87 11.84 2.72
C PRO B 96 -12.22 12.08 1.36
N PHE B 97 -10.94 11.73 1.29
CA PHE B 97 -10.15 11.87 0.07
C PHE B 97 -9.08 10.80 -0.03
N LYS B 98 -8.96 10.21 -1.20
CA LYS B 98 -7.96 9.18 -1.43
C LYS B 98 -7.02 9.61 -2.55
N ILE B 99 -5.76 9.30 -2.38
CA ILE B 99 -4.77 9.65 -3.38
C ILE B 99 -3.70 8.57 -3.48
N GLU B 100 -3.30 8.24 -4.69
CA GLU B 100 -2.25 7.26 -4.88
C GLU B 100 -1.21 7.67 -5.91
N ILE B 101 0.04 7.42 -5.57
CA ILE B 101 1.17 7.74 -6.44
C ILE B 101 1.84 6.44 -6.87
N ARG B 102 2.11 6.35 -8.17
CA ARG B 102 2.75 5.20 -8.77
C ARG B 102 4.05 5.63 -9.45
N ARG B 103 5.12 4.87 -9.19
CA ARG B 103 6.44 5.11 -9.75
C ARG B 103 7.16 3.79 -10.03
N ASP B 104 7.82 3.66 -11.19
CA ASP B 104 8.54 2.40 -11.48
C ASP B 104 10.05 2.59 -11.48
N TYR B 105 10.78 1.64 -10.92
CA TYR B 105 12.21 1.77 -10.95
C TYR B 105 12.90 0.51 -11.39
N LEU B 106 14.12 0.68 -11.86
CA LEU B 106 14.94 -0.40 -12.32
C LEU B 106 15.91 -0.76 -11.20
N ASP B 107 16.01 -2.04 -10.90
CA ASP B 107 16.89 -2.51 -9.84
C ASP B 107 18.22 -2.98 -10.46
N ASP B 108 19.34 -2.64 -9.79
CA ASP B 108 20.66 -3.03 -10.24
C ASP B 108 21.09 -4.35 -9.58
N PRO B 109 22.08 -5.05 -10.16
CA PRO B 109 22.55 -6.32 -9.60
C PRO B 109 23.36 -6.15 -8.30
N ARG B 110 23.33 -4.94 -7.75
CA ARG B 110 24.04 -4.63 -6.51
C ARG B 110 23.59 -5.51 -5.36
N THR B 111 24.03 -5.16 -4.16
CA THR B 111 23.67 -5.91 -2.95
C THR B 111 22.26 -5.55 -2.49
N ALA B 112 21.59 -6.51 -1.86
CA ALA B 112 20.24 -6.29 -1.36
C ALA B 112 20.25 -5.32 -0.18
N LEU B 113 21.34 -4.54 -0.05
CA LEU B 113 21.47 -3.60 1.06
C LEU B 113 21.85 -2.19 0.58
N ALA B 114 22.47 -2.10 -0.58
CA ALA B 114 22.87 -0.81 -1.14
C ALA B 114 21.64 -0.16 -1.78
N LYS B 115 20.80 -1.00 -2.37
CA LYS B 115 19.58 -0.55 -3.03
C LYS B 115 18.62 0.05 -2.01
N SER B 116 18.85 -0.31 -0.75
CA SER B 116 18.03 0.18 0.36
C SER B 116 18.01 1.70 0.42
N ARG B 117 19.17 2.31 0.66
CA ARG B 117 19.25 3.77 0.75
C ARG B 117 18.70 4.46 -0.48
N GLU B 118 18.59 3.70 -1.56
CA GLU B 118 18.07 4.24 -2.82
C GLU B 118 16.55 4.32 -2.78
N GLU B 120 14.45 4.06 -0.52
CA GLU B 120 13.92 4.93 0.52
C GLU B 120 13.95 6.38 0.09
N LEU B 121 14.91 6.73 -0.76
CA LEU B 121 15.04 8.11 -1.25
C LEU B 121 13.93 8.33 -2.27
N LEU B 122 13.59 7.24 -2.93
CA LEU B 122 12.55 7.21 -3.95
C LEU B 122 11.20 7.32 -3.27
N VAL B 123 11.09 6.83 -2.04
CA VAL B 123 9.84 6.90 -1.31
C VAL B 123 9.61 8.29 -0.75
N LYS B 124 10.69 8.96 -0.31
CA LYS B 124 10.54 10.31 0.22
C LYS B 124 10.04 11.23 -0.87
N GLU B 125 10.51 11.01 -2.10
CA GLU B 125 10.02 11.84 -3.20
C GLU B 125 8.53 11.60 -3.38
N ARG B 127 6.37 10.57 -0.96
CA ARG B 127 5.66 11.16 0.17
C ARG B 127 5.55 12.67 -0.06
N ILE B 128 6.61 13.29 -0.59
CA ILE B 128 6.57 14.71 -0.88
C ILE B 128 5.47 15.00 -1.90
N GLN B 129 5.52 14.27 -3.00
CA GLN B 129 4.56 14.39 -4.10
C GLN B 129 3.15 14.25 -3.52
N ALA B 130 2.98 13.35 -2.56
CA ALA B 130 1.68 13.17 -1.94
C ALA B 130 1.32 14.41 -1.11
N ALA B 131 2.23 14.84 -0.23
CA ALA B 131 1.99 16.02 0.61
C ALA B 131 1.52 17.19 -0.26
N ASP B 132 2.23 17.42 -1.36
CA ASP B 132 1.89 18.49 -2.31
C ASP B 132 0.44 18.35 -2.73
N ARG B 133 0.10 17.15 -3.22
CA ARG B 133 -1.25 16.87 -3.70
C ARG B 133 -2.30 17.10 -2.63
N ILE B 134 -1.97 16.74 -1.39
CA ILE B 134 -2.91 16.92 -0.28
C ILE B 134 -3.18 18.43 -0.13
N LEU B 135 -2.13 19.23 -0.24
CA LEU B 135 -2.27 20.68 -0.13
C LEU B 135 -3.16 21.24 -1.25
N GLN B 136 -2.79 20.98 -2.51
CA GLN B 136 -3.51 21.46 -3.68
C GLN B 136 -4.95 20.98 -3.71
N SER B 137 -5.17 19.76 -3.24
CA SER B 137 -6.51 19.18 -3.20
C SER B 137 -7.31 19.85 -2.09
N ALA B 139 -6.66 23.24 -1.34
CA ALA B 139 -6.81 24.62 -1.82
C ALA B 139 -8.02 24.70 -2.74
N SER B 140 -8.34 23.58 -3.38
CA SER B 140 -9.45 23.52 -4.30
C SER B 140 -10.77 23.28 -3.58
N THR B 141 -10.73 22.47 -2.52
CA THR B 141 -11.93 22.19 -1.76
C THR B 141 -12.42 23.43 -0.99
N GLU B 142 -11.58 24.45 -0.92
CA GLU B 142 -11.94 25.68 -0.22
C GLU B 142 -12.32 26.78 -1.20
N VAL B 143 -11.60 26.84 -2.32
CA VAL B 143 -11.86 27.85 -3.34
C VAL B 143 -13.32 27.79 -3.80
N ASN B 144 -13.90 26.59 -3.79
CA ASN B 144 -15.29 26.43 -4.20
C ASN B 144 -16.23 26.93 -3.11
#